data_1LUP
#
_entry.id   1LUP
#
_entity_poly.entity_id   1
_entity_poly.type   'polypeptide(L)'
_entity_poly.pdbx_seq_one_letter_code
;YCQKWMWTCDEERKCCEGLVCRLWCKRIINM
;
_entity_poly.pdbx_strand_id   A
#
# COMPACT_ATOMS: atom_id res chain seq x y z
N TYR A 1 -10.14 0.66 3.03
CA TYR A 1 -9.70 2.02 3.42
C TYR A 1 -8.66 2.57 2.43
N CYS A 2 -7.91 3.59 2.86
CA CYS A 2 -6.89 4.20 2.02
C CYS A 2 -6.21 5.36 2.72
N GLN A 3 -4.88 5.40 2.64
CA GLN A 3 -4.11 6.48 3.26
C GLN A 3 -3.60 7.43 2.18
N LYS A 4 -2.58 7.00 1.45
CA LYS A 4 -2.00 7.81 0.36
C LYS A 4 -0.71 7.20 -0.15
N TRP A 5 -0.77 5.93 -0.53
CA TRP A 5 0.40 5.22 -1.05
C TRP A 5 1.55 5.25 -0.06
N MET A 6 2.47 4.29 -0.22
CA MET A 6 3.65 4.18 0.65
C MET A 6 3.31 4.45 2.11
N TRP A 7 2.10 4.08 2.51
CA TRP A 7 1.67 4.28 3.89
C TRP A 7 2.13 3.10 4.75
N THR A 8 2.48 3.39 6.01
CA THR A 8 2.95 2.37 6.94
C THR A 8 2.10 1.10 6.90
N CYS A 9 2.77 -0.04 6.74
CA CYS A 9 2.10 -1.33 6.68
C CYS A 9 2.02 -1.96 8.06
N ASP A 10 0.89 -2.61 8.36
CA ASP A 10 0.71 -3.27 9.65
C ASP A 10 -0.39 -4.33 9.56
N GLU A 11 -0.78 -4.88 10.72
CA GLU A 11 -1.83 -5.89 10.77
C GLU A 11 -3.05 -5.42 9.99
N GLU A 12 -3.48 -4.20 10.29
CA GLU A 12 -4.62 -3.60 9.61
C GLU A 12 -4.25 -2.18 9.18
N ARG A 13 -3.89 -2.05 7.91
CA ARG A 13 -3.49 -0.75 7.37
C ARG A 13 -4.48 -0.25 6.32
N LYS A 14 -4.59 1.07 6.21
CA LYS A 14 -5.46 1.69 5.23
C LYS A 14 -5.01 1.32 3.82
N CYS A 15 -4.56 2.31 3.05
CA CYS A 15 -4.08 2.06 1.69
C CYS A 15 -5.19 1.49 0.81
N CYS A 16 -5.31 2.00 -0.40
CA CYS A 16 -6.32 1.52 -1.33
C CYS A 16 -6.06 0.09 -1.75
N GLU A 17 -7.10 -0.60 -2.19
CA GLU A 17 -6.98 -2.00 -2.61
C GLU A 17 -5.96 -2.16 -3.74
N GLY A 18 -5.66 -1.07 -4.43
CA GLY A 18 -4.70 -1.13 -5.52
C GLY A 18 -3.27 -0.87 -5.07
N LEU A 19 -2.86 -1.51 -3.98
CA LEU A 19 -1.51 -1.33 -3.46
C LEU A 19 -1.08 -2.55 -2.64
N VAL A 20 0.17 -2.96 -2.83
CA VAL A 20 0.71 -4.10 -2.10
C VAL A 20 1.18 -3.68 -0.71
N CYS A 21 1.32 -4.64 0.20
CA CYS A 21 1.76 -4.33 1.56
C CYS A 21 3.13 -4.91 1.86
N ARG A 22 4.09 -4.02 2.08
CA ARG A 22 5.46 -4.38 2.41
C ARG A 22 6.22 -3.14 2.82
N LEU A 23 6.36 -2.93 4.13
CA LEU A 23 7.06 -1.76 4.66
C LEU A 23 6.22 -0.52 4.40
N TRP A 24 6.00 -0.22 3.12
CA TRP A 24 5.20 0.93 2.71
C TRP A 24 4.56 0.64 1.35
N CYS A 25 3.30 1.03 1.18
CA CYS A 25 2.58 0.79 -0.07
C CYS A 25 3.43 1.15 -1.29
N LYS A 26 3.67 0.17 -2.14
CA LYS A 26 4.47 0.38 -3.34
C LYS A 26 3.64 0.14 -4.60
N ARG A 27 3.87 0.96 -5.63
CA ARG A 27 3.14 0.85 -6.88
C ARG A 27 3.47 -0.48 -7.58
N ILE A 28 3.02 -0.60 -8.82
CA ILE A 28 3.27 -1.81 -9.60
C ILE A 28 3.37 -1.50 -11.09
N ILE A 29 4.33 -2.13 -11.76
CA ILE A 29 4.53 -1.92 -13.18
C ILE A 29 4.91 -3.22 -13.90
N ASN A 30 4.70 -3.27 -15.20
CA ASN A 30 5.02 -4.44 -15.99
C ASN A 30 6.27 -4.23 -16.83
N MET A 31 6.45 -3.00 -17.30
CA MET A 31 7.61 -2.66 -18.12
C MET A 31 8.80 -2.27 -17.24
N TYR A 1 -11.68 4.76 3.18
CA TYR A 1 -10.26 4.67 3.61
C TYR A 1 -9.31 4.74 2.41
N CYS A 2 -8.17 4.04 2.49
CA CYS A 2 -7.17 4.02 1.41
C CYS A 2 -6.26 5.23 1.51
N GLN A 3 -5.16 5.06 2.24
CA GLN A 3 -4.18 6.11 2.42
C GLN A 3 -3.19 6.12 1.25
N LYS A 4 -2.66 7.30 0.93
CA LYS A 4 -1.70 7.42 -0.15
C LYS A 4 -0.58 6.40 -0.01
N TRP A 5 -0.33 5.64 -1.07
CA TRP A 5 0.71 4.61 -1.04
C TRP A 5 2.01 5.16 -0.43
N MET A 6 2.94 4.25 -0.14
CA MET A 6 4.22 4.61 0.47
C MET A 6 4.11 4.62 1.99
N TRP A 7 3.07 5.28 2.50
CA TRP A 7 2.84 5.36 3.93
C TRP A 7 3.06 4.02 4.63
N THR A 8 3.19 4.09 5.96
CA THR A 8 3.41 2.91 6.79
C THR A 8 2.51 1.74 6.40
N CYS A 9 3.06 0.53 6.50
CA CYS A 9 2.32 -0.69 6.18
C CYS A 9 2.41 -1.67 7.34
N ASP A 10 1.28 -2.31 7.67
CA ASP A 10 1.24 -3.27 8.76
C ASP A 10 0.29 -4.41 8.45
N GLU A 11 -0.06 -5.19 9.47
CA GLU A 11 -0.97 -6.32 9.31
C GLU A 11 -2.23 -5.90 8.56
N GLU A 12 -2.63 -4.65 8.75
CA GLU A 12 -3.82 -4.12 8.09
C GLU A 12 -3.65 -2.65 7.76
N ARG A 13 -3.33 -2.37 6.49
CA ARG A 13 -3.13 -0.99 6.03
C ARG A 13 -4.45 -0.39 5.56
N LYS A 14 -4.44 0.91 5.36
CA LYS A 14 -5.62 1.62 4.89
C LYS A 14 -5.63 1.72 3.37
N CYS A 15 -4.44 1.98 2.81
CA CYS A 15 -4.28 2.11 1.36
C CYS A 15 -5.12 1.07 0.62
N CYS A 16 -5.84 1.52 -0.41
CA CYS A 16 -6.69 0.65 -1.19
C CYS A 16 -5.95 -0.62 -1.62
N GLU A 17 -6.70 -1.68 -1.87
CA GLU A 17 -6.12 -2.96 -2.28
C GLU A 17 -5.26 -2.81 -3.54
N GLY A 18 -5.51 -1.75 -4.29
CA GLY A 18 -4.76 -1.52 -5.52
C GLY A 18 -3.25 -1.55 -5.30
N LEU A 19 -2.83 -1.29 -4.07
CA LEU A 19 -1.41 -1.28 -3.74
C LEU A 19 -1.08 -2.35 -2.69
N VAL A 20 -0.09 -3.18 -2.98
CA VAL A 20 0.33 -4.23 -2.06
C VAL A 20 0.75 -3.64 -0.72
N CYS A 21 1.20 -4.49 0.19
CA CYS A 21 1.63 -4.03 1.51
C CYS A 21 2.87 -4.77 2.00
N ARG A 22 3.93 -4.00 2.22
CA ARG A 22 5.20 -4.53 2.70
C ARG A 22 6.10 -3.37 3.11
N LEU A 23 6.16 -3.08 4.40
CA LEU A 23 6.96 -1.97 4.90
C LEU A 23 6.29 -0.65 4.54
N TRP A 24 6.05 -0.45 3.26
CA TRP A 24 5.40 0.74 2.75
C TRP A 24 4.52 0.38 1.55
N CYS A 25 3.21 0.64 1.67
CA CYS A 25 2.27 0.32 0.59
C CYS A 25 2.84 0.66 -0.79
N LYS A 26 3.35 -0.35 -1.48
CA LYS A 26 3.92 -0.15 -2.81
C LYS A 26 2.86 -0.28 -3.89
N ARG A 27 2.91 0.61 -4.87
CA ARG A 27 1.95 0.59 -5.97
C ARG A 27 2.31 -0.48 -6.99
N ILE A 28 1.29 -1.04 -7.64
CA ILE A 28 1.49 -2.08 -8.65
C ILE A 28 2.58 -1.69 -9.65
N ILE A 29 3.44 -2.64 -9.96
CA ILE A 29 4.53 -2.39 -10.91
C ILE A 29 4.21 -3.00 -12.27
N ASN A 30 4.87 -2.50 -13.30
CA ASN A 30 4.66 -2.98 -14.66
C ASN A 30 5.96 -2.93 -15.46
N MET A 31 6.55 -1.74 -15.57
CA MET A 31 7.80 -1.57 -16.30
C MET A 31 8.97 -1.37 -15.35
N TYR A 1 -11.26 4.85 3.13
CA TYR A 1 -10.13 3.90 3.28
C TYR A 1 -8.91 4.36 2.48
N CYS A 2 -7.85 3.57 2.52
CA CYS A 2 -6.62 3.89 1.81
C CYS A 2 -5.98 5.16 2.36
N GLN A 3 -4.84 4.99 3.03
CA GLN A 3 -4.13 6.13 3.61
C GLN A 3 -3.77 7.16 2.54
N LYS A 4 -2.68 6.89 1.82
CA LYS A 4 -2.23 7.78 0.74
C LYS A 4 -0.88 7.34 0.20
N TRP A 5 -0.83 6.10 -0.29
CA TRP A 5 0.40 5.53 -0.84
C TRP A 5 1.53 5.57 0.19
N MET A 6 2.55 4.75 -0.07
CA MET A 6 3.73 4.65 0.81
C MET A 6 3.38 4.76 2.29
N TRP A 7 2.17 4.33 2.65
CA TRP A 7 1.74 4.36 4.04
C TRP A 7 2.16 3.06 4.73
N THR A 8 2.91 3.19 5.84
CA THR A 8 3.41 2.03 6.58
C THR A 8 2.34 0.98 6.82
N CYS A 9 2.72 -0.28 6.68
CA CYS A 9 1.80 -1.40 6.88
C CYS A 9 1.57 -1.67 8.36
N ASP A 10 0.44 -2.30 8.67
CA ASP A 10 0.11 -2.63 10.05
C ASP A 10 -0.89 -3.79 10.10
N GLU A 11 -1.55 -3.97 11.23
CA GLU A 11 -2.54 -5.03 11.38
C GLU A 11 -3.51 -5.04 10.21
N GLU A 12 -3.72 -3.86 9.63
CA GLU A 12 -4.60 -3.71 8.49
C GLU A 12 -4.21 -2.49 7.67
N ARG A 13 -3.50 -2.72 6.57
CA ARG A 13 -3.06 -1.62 5.70
C ARG A 13 -4.27 -1.00 4.99
N LYS A 14 -4.73 0.14 5.52
CA LYS A 14 -5.89 0.84 4.95
C LYS A 14 -5.69 1.12 3.47
N CYS A 15 -4.43 1.29 3.08
CA CYS A 15 -4.06 1.58 1.69
C CYS A 15 -4.98 0.86 0.70
N CYS A 16 -5.16 1.45 -0.47
CA CYS A 16 -6.00 0.86 -1.50
C CYS A 16 -5.35 -0.40 -2.05
N GLU A 17 -6.17 -1.28 -2.63
CA GLU A 17 -5.68 -2.54 -3.19
C GLU A 17 -4.57 -2.31 -4.21
N GLY A 18 -4.52 -1.10 -4.76
CA GLY A 18 -3.50 -0.78 -5.76
C GLY A 18 -2.09 -1.04 -5.27
N LEU A 19 -1.90 -1.07 -3.96
CA LEU A 19 -0.58 -1.29 -3.38
C LEU A 19 -0.55 -2.55 -2.51
N VAL A 20 0.65 -3.01 -2.18
CA VAL A 20 0.83 -4.20 -1.35
C VAL A 20 1.36 -3.83 0.04
N CYS A 21 1.55 -4.83 0.89
CA CYS A 21 2.06 -4.58 2.24
C CYS A 21 3.52 -5.02 2.39
N ARG A 22 4.40 -4.02 2.47
CA ARG A 22 5.82 -4.25 2.65
C ARG A 22 6.50 -2.92 2.96
N LEU A 23 6.74 -2.65 4.24
CA LEU A 23 7.36 -1.41 4.66
C LEU A 23 6.42 -0.22 4.38
N TRP A 24 6.09 -0.02 3.11
CA TRP A 24 5.19 1.06 2.71
C TRP A 24 4.52 0.70 1.39
N CYS A 25 3.28 1.15 1.22
CA CYS A 25 2.51 0.87 0.00
C CYS A 25 3.38 1.00 -1.25
N LYS A 26 3.57 -0.11 -1.96
CA LYS A 26 4.36 -0.12 -3.17
C LYS A 26 3.55 -0.65 -4.35
N ARG A 27 3.21 0.24 -5.27
CA ARG A 27 2.44 -0.14 -6.46
C ARG A 27 3.19 -1.18 -7.27
N ILE A 28 2.62 -1.52 -8.44
CA ILE A 28 3.24 -2.51 -9.32
C ILE A 28 3.34 -1.98 -10.75
N ILE A 29 4.48 -2.20 -11.38
CA ILE A 29 4.69 -1.74 -12.76
C ILE A 29 4.47 -2.88 -13.75
N ASN A 30 4.20 -2.52 -15.00
CA ASN A 30 3.96 -3.51 -16.05
C ASN A 30 4.05 -2.87 -17.42
N MET A 31 5.27 -2.73 -17.94
CA MET A 31 5.48 -2.14 -19.26
C MET A 31 6.42 -3.00 -20.08
N TYR A 1 -11.08 4.27 3.94
CA TYR A 1 -10.06 5.32 4.27
C TYR A 1 -9.00 5.41 3.16
N CYS A 2 -8.05 4.47 3.17
CA CYS A 2 -7.00 4.45 2.17
C CYS A 2 -6.15 5.72 2.24
N GLN A 3 -4.84 5.52 2.38
CA GLN A 3 -3.91 6.63 2.44
C GLN A 3 -3.40 6.95 1.03
N LYS A 4 -2.43 7.86 0.95
CA LYS A 4 -1.87 8.25 -0.35
C LYS A 4 -0.59 7.49 -0.65
N TRP A 5 -0.73 6.22 -1.01
CA TRP A 5 0.41 5.37 -1.36
C TRP A 5 1.48 5.37 -0.27
N MET A 6 2.46 4.51 -0.45
CA MET A 6 3.60 4.36 0.46
C MET A 6 3.22 4.63 1.92
N TRP A 7 2.04 4.21 2.31
CA TRP A 7 1.58 4.40 3.68
C TRP A 7 1.99 3.20 4.53
N THR A 8 2.39 3.45 5.78
CA THR A 8 2.82 2.40 6.70
C THR A 8 1.94 1.15 6.57
N CYS A 9 2.58 0.03 6.23
CA CYS A 9 1.86 -1.24 6.07
C CYS A 9 2.06 -2.12 7.31
N ASP A 10 1.09 -3.00 7.55
CA ASP A 10 1.14 -3.90 8.69
C ASP A 10 0.06 -4.97 8.58
N GLU A 11 -0.30 -5.60 9.70
CA GLU A 11 -1.32 -6.63 9.70
C GLU A 11 -2.58 -6.15 8.98
N GLU A 12 -2.79 -4.84 8.97
CA GLU A 12 -3.95 -4.25 8.30
C GLU A 12 -3.74 -2.75 8.10
N ARG A 13 -3.59 -2.34 6.85
CA ARG A 13 -3.40 -0.92 6.54
C ARG A 13 -4.58 -0.37 5.76
N LYS A 14 -4.91 0.89 6.04
CA LYS A 14 -6.02 1.56 5.38
C LYS A 14 -5.81 1.66 3.87
N CYS A 15 -4.55 1.68 3.48
CA CYS A 15 -4.16 1.78 2.05
C CYS A 15 -5.16 1.06 1.15
N CYS A 16 -5.29 1.56 -0.09
CA CYS A 16 -6.19 0.96 -1.05
C CYS A 16 -5.75 -0.44 -1.42
N GLU A 17 -6.62 -1.18 -2.12
CA GLU A 17 -6.32 -2.55 -2.52
C GLU A 17 -5.39 -2.59 -3.73
N GLY A 18 -5.02 -1.43 -4.25
CA GLY A 18 -4.14 -1.38 -5.41
C GLY A 18 -2.68 -1.18 -5.02
N LEU A 19 -2.32 -1.65 -3.84
CA LEU A 19 -0.95 -1.51 -3.36
C LEU A 19 -0.51 -2.73 -2.57
N VAL A 20 0.71 -3.19 -2.83
CA VAL A 20 1.27 -4.35 -2.14
C VAL A 20 1.73 -3.97 -0.73
N CYS A 21 1.42 -4.82 0.25
CA CYS A 21 1.79 -4.56 1.63
C CYS A 21 3.21 -5.03 1.94
N ARG A 22 4.12 -4.07 2.08
CA ARG A 22 5.51 -4.34 2.40
C ARG A 22 6.24 -3.05 2.73
N LEU A 23 6.39 -2.77 4.02
CA LEU A 23 7.05 -1.55 4.48
C LEU A 23 6.20 -0.32 4.16
N TRP A 24 5.94 -0.11 2.87
CA TRP A 24 5.12 1.02 2.43
C TRP A 24 4.41 0.66 1.12
N CYS A 25 3.20 1.20 0.95
CA CYS A 25 2.42 0.93 -0.25
C CYS A 25 3.17 1.36 -1.51
N LYS A 26 3.47 0.39 -2.37
CA LYS A 26 4.19 0.66 -3.60
C LYS A 26 3.30 0.41 -4.82
N ARG A 27 3.49 1.20 -5.86
CA ARG A 27 2.72 1.07 -7.08
C ARG A 27 2.88 -0.33 -7.69
N ILE A 28 1.75 -0.97 -7.99
CA ILE A 28 1.76 -2.31 -8.57
C ILE A 28 2.79 -2.44 -9.69
N ILE A 29 3.23 -3.67 -9.94
CA ILE A 29 4.20 -3.94 -10.96
C ILE A 29 3.81 -3.32 -12.30
N ASN A 30 4.81 -2.91 -13.07
CA ASN A 30 4.57 -2.30 -14.37
C ASN A 30 5.89 -2.01 -15.09
N MET A 31 6.85 -2.92 -14.93
CA MET A 31 8.15 -2.76 -15.58
C MET A 31 8.07 -3.12 -17.06
N TYR A 1 -10.78 1.89 2.29
CA TYR A 1 -9.79 2.55 3.19
C TYR A 1 -8.93 3.56 2.42
N CYS A 2 -7.86 3.07 1.80
CA CYS A 2 -6.95 3.91 1.03
C CYS A 2 -6.37 5.04 1.87
N GLN A 3 -5.05 5.09 1.92
CA GLN A 3 -4.33 6.12 2.66
C GLN A 3 -3.71 7.11 1.68
N LYS A 4 -2.57 6.74 1.11
CA LYS A 4 -1.91 7.58 0.12
C LYS A 4 -0.60 6.97 -0.36
N TRP A 5 -0.58 5.64 -0.49
CA TRP A 5 0.61 4.94 -0.95
C TRP A 5 1.80 5.20 -0.03
N MET A 6 2.70 4.23 0.05
CA MET A 6 3.90 4.32 0.87
C MET A 6 3.58 4.36 2.37
N TRP A 7 2.48 5.00 2.77
CA TRP A 7 2.12 5.10 4.17
C TRP A 7 2.40 3.81 4.94
N THR A 8 2.53 3.95 6.25
CA THR A 8 2.82 2.82 7.14
C THR A 8 2.05 1.56 6.79
N CYS A 9 2.72 0.41 6.93
CA CYS A 9 2.11 -0.88 6.64
C CYS A 9 2.19 -1.78 7.87
N ASP A 10 1.03 -2.29 8.29
CA ASP A 10 0.97 -3.17 9.45
C ASP A 10 0.06 -4.36 9.17
N GLU A 11 -0.31 -5.08 10.24
CA GLU A 11 -1.20 -6.24 10.12
C GLU A 11 -2.44 -5.88 9.30
N GLU A 12 -2.83 -4.61 9.34
CA GLU A 12 -4.00 -4.14 8.61
C GLU A 12 -3.95 -2.64 8.43
N ARG A 13 -3.55 -2.19 7.25
CA ARG A 13 -3.46 -0.77 6.94
C ARG A 13 -4.47 -0.38 5.87
N LYS A 14 -4.48 0.89 5.50
CA LYS A 14 -5.40 1.38 4.49
C LYS A 14 -4.89 1.06 3.08
N CYS A 15 -4.43 2.09 2.36
CA CYS A 15 -3.92 1.91 0.99
C CYS A 15 -4.98 1.32 0.08
N CYS A 16 -5.24 1.99 -1.04
CA CYS A 16 -6.23 1.52 -2.00
C CYS A 16 -5.98 0.07 -2.38
N GLU A 17 -7.03 -0.61 -2.84
CA GLU A 17 -6.95 -2.02 -3.22
C GLU A 17 -5.82 -2.26 -4.22
N GLY A 18 -5.43 -1.22 -4.95
CA GLY A 18 -4.39 -1.35 -5.94
C GLY A 18 -3.01 -1.07 -5.38
N LEU A 19 -2.70 -1.65 -4.22
CA LEU A 19 -1.41 -1.45 -3.58
C LEU A 19 -1.06 -2.61 -2.66
N VAL A 20 0.19 -3.06 -2.73
CA VAL A 20 0.66 -4.14 -1.88
C VAL A 20 1.05 -3.61 -0.50
N CYS A 21 1.30 -4.51 0.45
CA CYS A 21 1.67 -4.09 1.80
C CYS A 21 2.91 -4.82 2.31
N ARG A 22 3.92 -4.04 2.67
CA ARG A 22 5.17 -4.55 3.21
C ARG A 22 6.01 -3.39 3.73
N LEU A 23 5.97 -3.18 5.05
CA LEU A 23 6.72 -2.08 5.67
C LEU A 23 6.10 -0.74 5.26
N TRP A 24 6.12 -0.48 3.96
CA TRP A 24 5.55 0.74 3.40
C TRP A 24 4.99 0.43 2.01
N CYS A 25 3.72 0.77 1.78
CA CYS A 25 3.07 0.50 0.49
C CYS A 25 4.01 0.77 -0.69
N LYS A 26 3.89 -0.04 -1.73
CA LYS A 26 4.73 0.10 -2.92
C LYS A 26 3.88 0.07 -4.19
N ARG A 27 4.27 0.86 -5.18
CA ARG A 27 3.55 0.92 -6.44
C ARG A 27 3.87 -0.29 -7.31
N ILE A 28 3.37 -0.29 -8.54
CA ILE A 28 3.61 -1.38 -9.47
C ILE A 28 3.91 -0.86 -10.87
N ILE A 29 5.04 -1.29 -11.43
CA ILE A 29 5.44 -0.87 -12.75
C ILE A 29 5.28 -2.00 -13.77
N ASN A 30 4.52 -1.74 -14.83
CA ASN A 30 4.28 -2.73 -15.87
C ASN A 30 3.59 -3.96 -15.29
N MET A 31 2.35 -4.17 -15.71
CA MET A 31 1.57 -5.31 -15.25
C MET A 31 1.38 -5.26 -13.74
N TYR A 1 -11.54 5.11 4.17
CA TYR A 1 -10.38 4.18 4.15
C TYR A 1 -9.30 4.67 3.18
N CYS A 2 -8.24 3.89 3.04
CA CYS A 2 -7.14 4.23 2.14
C CYS A 2 -6.38 5.44 2.66
N GLN A 3 -5.23 5.20 3.28
CA GLN A 3 -4.40 6.28 3.81
C GLN A 3 -3.99 7.24 2.70
N LYS A 4 -2.88 6.93 2.01
CA LYS A 4 -2.41 7.79 0.93
C LYS A 4 -1.14 7.22 0.30
N TRP A 5 -1.22 6.00 -0.20
CA TRP A 5 -0.09 5.36 -0.87
C TRP A 5 1.12 5.26 0.06
N MET A 6 2.02 4.33 -0.26
CA MET A 6 3.23 4.10 0.50
C MET A 6 3.00 4.23 2.00
N TRP A 7 1.87 3.72 2.47
CA TRP A 7 1.54 3.77 3.88
C TRP A 7 2.00 2.49 4.59
N THR A 8 2.29 2.58 5.87
CA THR A 8 2.72 1.43 6.65
C THR A 8 1.80 0.23 6.41
N CYS A 9 2.34 -0.81 5.78
CA CYS A 9 1.56 -2.02 5.50
C CYS A 9 2.05 -3.18 6.35
N ASP A 10 1.11 -3.80 7.07
CA ASP A 10 1.41 -4.95 7.94
C ASP A 10 0.39 -5.08 9.07
N GLU A 11 0.63 -4.36 10.16
CA GLU A 11 -0.26 -4.39 11.31
C GLU A 11 -1.61 -3.79 10.97
N GLU A 12 -1.58 -2.59 10.39
CA GLU A 12 -2.81 -1.90 10.01
C GLU A 12 -2.69 -1.31 8.61
N ARG A 13 -3.26 -2.01 7.63
CA ARG A 13 -3.23 -1.57 6.25
C ARG A 13 -4.49 -0.76 5.93
N LYS A 14 -4.31 0.48 5.48
CA LYS A 14 -5.44 1.35 5.16
C LYS A 14 -5.50 1.65 3.67
N CYS A 15 -4.39 2.09 3.11
CA CYS A 15 -4.30 2.44 1.69
C CYS A 15 -5.16 1.50 0.84
N CYS A 16 -5.81 2.06 -0.17
CA CYS A 16 -6.68 1.28 -1.05
C CYS A 16 -5.98 0.00 -1.51
N GLU A 17 -6.77 -1.08 -1.60
CA GLU A 17 -6.24 -2.38 -2.02
C GLU A 17 -5.47 -2.29 -3.33
N GLY A 18 -5.77 -1.27 -4.12
CA GLY A 18 -5.09 -1.10 -5.39
C GLY A 18 -3.57 -1.03 -5.24
N LEU A 19 -3.10 -0.73 -4.04
CA LEU A 19 -1.67 -0.64 -3.78
C LEU A 19 -1.13 -1.93 -3.16
N VAL A 20 0.07 -2.31 -3.57
CA VAL A 20 0.71 -3.51 -3.07
C VAL A 20 1.03 -3.40 -1.58
N CYS A 21 1.27 -4.53 -0.93
CA CYS A 21 1.58 -4.54 0.50
C CYS A 21 2.99 -5.05 0.75
N ARG A 22 3.90 -4.12 1.04
CA ARG A 22 5.30 -4.45 1.32
C ARG A 22 6.02 -3.22 1.85
N LEU A 23 6.18 -3.13 3.17
CA LEU A 23 6.85 -2.00 3.79
C LEU A 23 5.98 -0.73 3.65
N TRP A 24 5.74 -0.34 2.41
CA TRP A 24 4.92 0.84 2.11
C TRP A 24 4.10 0.59 0.85
N CYS A 25 2.81 0.94 0.89
CA CYS A 25 1.92 0.75 -0.25
C CYS A 25 2.57 1.22 -1.55
N LYS A 26 2.88 0.27 -2.43
CA LYS A 26 3.50 0.59 -3.72
C LYS A 26 2.69 0.02 -4.87
N ARG A 27 2.63 0.76 -5.97
CA ARG A 27 1.89 0.33 -7.15
C ARG A 27 2.71 -0.64 -7.99
N ILE A 28 2.06 -1.66 -8.52
CA ILE A 28 2.73 -2.65 -9.34
C ILE A 28 3.30 -2.06 -10.63
N ILE A 29 4.60 -1.78 -10.61
CA ILE A 29 5.27 -1.23 -11.77
C ILE A 29 6.54 -2.00 -12.09
N ASN A 30 7.01 -1.87 -13.33
CA ASN A 30 8.22 -2.56 -13.76
C ASN A 30 8.06 -4.07 -13.64
N MET A 31 7.39 -4.67 -14.63
CA MET A 31 7.17 -6.11 -14.63
C MET A 31 8.40 -6.85 -15.15
N TYR A 1 -10.44 5.06 4.52
CA TYR A 1 -9.52 4.02 3.97
C TYR A 1 -8.70 4.57 2.81
N CYS A 2 -7.75 3.77 2.35
CA CYS A 2 -6.88 4.18 1.25
C CYS A 2 -6.10 5.44 1.60
N GLN A 3 -5.71 5.51 2.86
CA GLN A 3 -4.94 6.66 3.39
C GLN A 3 -4.14 7.35 2.30
N LYS A 4 -3.08 6.68 1.85
CA LYS A 4 -2.21 7.23 0.81
C LYS A 4 -1.02 6.32 0.56
N TRP A 5 -0.57 6.26 -0.69
CA TRP A 5 0.57 5.43 -1.07
C TRP A 5 1.71 5.59 -0.07
N MET A 6 2.44 4.50 0.15
CA MET A 6 3.55 4.49 1.08
C MET A 6 3.09 4.65 2.52
N TRP A 7 2.06 3.90 2.90
CA TRP A 7 1.53 3.95 4.25
C TRP A 7 1.96 2.73 5.06
N THR A 8 2.01 2.88 6.38
CA THR A 8 2.40 1.80 7.28
C THR A 8 1.53 0.56 7.08
N CYS A 9 2.09 -0.50 6.50
CA CYS A 9 1.34 -1.74 6.29
C CYS A 9 1.43 -2.63 7.53
N ASP A 10 0.29 -3.23 7.93
CA ASP A 10 0.29 -4.08 9.11
C ASP A 10 -1.03 -4.82 9.26
N GLU A 11 -1.30 -5.31 10.47
CA GLU A 11 -2.53 -6.04 10.75
C GLU A 11 -3.73 -5.26 10.24
N GLU A 12 -3.62 -3.94 10.25
CA GLU A 12 -4.67 -3.08 9.77
C GLU A 12 -4.11 -2.05 8.79
N ARG A 13 -4.26 -2.34 7.51
CA ARG A 13 -3.77 -1.46 6.45
C ARG A 13 -4.84 -0.44 6.05
N LYS A 14 -4.39 0.67 5.49
CA LYS A 14 -5.31 1.73 5.07
C LYS A 14 -5.26 1.93 3.56
N CYS A 15 -4.08 2.30 3.06
CA CYS A 15 -3.89 2.54 1.63
C CYS A 15 -4.66 1.53 0.78
N CYS A 16 -5.05 1.94 -0.42
CA CYS A 16 -5.80 1.07 -1.32
C CYS A 16 -5.09 -0.26 -1.53
N GLU A 17 -5.85 -1.35 -1.46
CA GLU A 17 -5.29 -2.69 -1.63
C GLU A 17 -4.51 -2.82 -2.94
N GLY A 18 -4.84 -1.97 -3.90
CA GLY A 18 -4.16 -2.01 -5.19
C GLY A 18 -2.65 -1.81 -5.05
N LEU A 19 -2.23 -1.23 -3.93
CA LEU A 19 -0.82 -0.99 -3.68
C LEU A 19 -0.19 -2.14 -2.91
N VAL A 20 0.97 -2.59 -3.38
CA VAL A 20 1.70 -3.69 -2.74
C VAL A 20 1.98 -3.38 -1.28
N CYS A 21 2.29 -4.42 -0.49
CA CYS A 21 2.58 -4.23 0.92
C CYS A 21 4.00 -4.62 1.28
N ARG A 22 4.75 -3.63 1.73
CA ARG A 22 6.13 -3.81 2.16
C ARG A 22 6.60 -2.54 2.83
N LEU A 23 6.57 -2.52 4.16
CA LEU A 23 6.98 -1.34 4.92
C LEU A 23 6.01 -0.19 4.67
N TRP A 24 5.93 0.24 3.41
CA TRP A 24 5.05 1.32 3.01
C TRP A 24 4.42 1.01 1.65
N CYS A 25 3.10 1.23 1.53
CA CYS A 25 2.38 0.96 0.28
C CYS A 25 3.18 1.42 -0.94
N LYS A 26 3.32 0.53 -1.92
CA LYS A 26 4.05 0.85 -3.13
C LYS A 26 3.29 0.40 -4.38
N ARG A 27 3.64 0.98 -5.52
CA ARG A 27 2.98 0.63 -6.78
C ARG A 27 3.68 -0.54 -7.46
N ILE A 28 3.15 -0.95 -8.61
CA ILE A 28 3.73 -2.06 -9.36
C ILE A 28 3.34 -1.99 -10.84
N ILE A 29 4.31 -2.23 -11.71
CA ILE A 29 4.08 -2.19 -13.14
C ILE A 29 4.92 -3.22 -13.87
N ASN A 30 4.49 -3.60 -15.08
CA ASN A 30 5.21 -4.58 -15.88
C ASN A 30 4.85 -4.44 -17.35
N MET A 31 5.47 -3.47 -18.02
CA MET A 31 5.21 -3.23 -19.44
C MET A 31 5.66 -4.43 -20.27
N TYR A 1 -10.59 6.39 3.16
CA TYR A 1 -9.75 5.17 3.18
C TYR A 1 -8.76 5.16 2.02
N CYS A 2 -7.82 4.21 2.04
CA CYS A 2 -6.83 4.08 0.99
C CYS A 2 -5.94 5.32 0.94
N GLN A 3 -4.86 5.27 1.69
CA GLN A 3 -3.90 6.36 1.75
C GLN A 3 -3.33 6.66 0.35
N LYS A 4 -2.21 7.37 0.30
CA LYS A 4 -1.61 7.72 -0.99
C LYS A 4 -0.29 6.96 -1.20
N TRP A 5 -0.39 5.64 -1.33
CA TRP A 5 0.78 4.80 -1.56
C TRP A 5 1.85 5.01 -0.49
N MET A 6 2.79 4.07 -0.42
CA MET A 6 3.89 4.13 0.55
C MET A 6 3.39 4.44 1.96
N TRP A 7 2.25 3.88 2.33
CA TRP A 7 1.70 4.10 3.66
C TRP A 7 2.08 2.93 4.58
N THR A 8 2.16 3.23 5.88
CA THR A 8 2.52 2.23 6.88
C THR A 8 1.64 0.99 6.81
N CYS A 9 2.26 -0.19 6.66
CA CYS A 9 1.52 -1.45 6.59
C CYS A 9 1.48 -2.12 7.97
N ASP A 10 0.32 -2.66 8.35
CA ASP A 10 0.20 -3.31 9.65
C ASP A 10 -1.04 -4.20 9.71
N GLU A 11 -1.41 -4.61 10.92
CA GLU A 11 -2.58 -5.47 11.12
C GLU A 11 -3.79 -4.88 10.39
N GLU A 12 -3.89 -3.56 10.41
CA GLU A 12 -4.98 -2.87 9.73
C GLU A 12 -4.42 -1.77 8.84
N ARG A 13 -4.30 -2.07 7.56
CA ARG A 13 -3.78 -1.13 6.58
C ARG A 13 -4.86 -0.18 6.09
N LYS A 14 -4.45 0.86 5.38
CA LYS A 14 -5.38 1.86 4.86
C LYS A 14 -5.35 1.91 3.34
N CYS A 15 -4.16 2.07 2.77
CA CYS A 15 -4.01 2.15 1.32
C CYS A 15 -4.81 1.06 0.62
N CYS A 16 -4.95 1.21 -0.69
CA CYS A 16 -5.73 0.26 -1.48
C CYS A 16 -5.01 -1.09 -1.57
N GLU A 17 -5.79 -2.16 -1.52
CA GLU A 17 -5.25 -3.52 -1.58
C GLU A 17 -4.29 -3.70 -2.75
N GLY A 18 -4.46 -2.89 -3.78
CA GLY A 18 -3.60 -2.97 -4.95
C GLY A 18 -2.13 -2.82 -4.61
N LEU A 19 -1.84 -2.25 -3.44
CA LEU A 19 -0.47 -2.06 -3.00
C LEU A 19 -0.01 -3.16 -2.04
N VAL A 20 1.10 -3.80 -2.38
CA VAL A 20 1.65 -4.87 -1.55
C VAL A 20 1.93 -4.38 -0.13
N CYS A 21 2.03 -5.32 0.81
CA CYS A 21 2.28 -4.96 2.21
C CYS A 21 3.70 -5.30 2.63
N ARG A 22 4.52 -4.28 2.80
CA ARG A 22 5.90 -4.43 3.23
C ARG A 22 6.49 -3.08 3.55
N LEU A 23 6.53 -2.74 4.84
CA LEU A 23 7.05 -1.45 5.29
C LEU A 23 6.14 -0.31 4.84
N TRP A 24 5.97 -0.17 3.53
CA TRP A 24 5.13 0.87 2.97
C TRP A 24 4.41 0.36 1.72
N CYS A 25 3.19 0.87 1.49
CA CYS A 25 2.40 0.45 0.34
C CYS A 25 3.18 0.66 -0.96
N LYS A 26 3.38 -0.42 -1.70
CA LYS A 26 4.12 -0.36 -2.96
C LYS A 26 3.21 -0.70 -4.15
N ARG A 27 3.45 -0.06 -5.27
CA ARG A 27 2.66 -0.30 -6.48
C ARG A 27 3.44 -1.14 -7.48
N ILE A 28 2.83 -1.38 -8.64
CA ILE A 28 3.47 -2.18 -9.69
C ILE A 28 3.66 -1.36 -10.96
N ILE A 29 4.67 -1.73 -11.74
CA ILE A 29 4.96 -1.02 -12.99
C ILE A 29 3.87 -1.30 -14.03
N ASN A 30 3.49 -0.26 -14.76
CA ASN A 30 2.47 -0.40 -15.81
C ASN A 30 3.11 -0.38 -17.19
N MET A 31 4.33 -0.89 -17.29
CA MET A 31 5.04 -0.94 -18.56
C MET A 31 4.41 -1.97 -19.49
N TYR A 1 -10.44 6.61 3.73
CA TYR A 1 -9.55 5.43 3.92
C TYR A 1 -8.57 5.29 2.77
N CYS A 2 -7.70 4.29 2.85
CA CYS A 2 -6.71 4.04 1.81
C CYS A 2 -5.74 5.21 1.69
N GLN A 3 -4.57 5.07 2.30
CA GLN A 3 -3.55 6.12 2.24
C GLN A 3 -3.11 6.35 0.80
N LYS A 4 -2.58 7.54 0.54
CA LYS A 4 -2.12 7.88 -0.81
C LYS A 4 -0.80 7.21 -1.14
N TRP A 5 -0.80 5.88 -1.18
CA TRP A 5 0.40 5.11 -1.51
C TRP A 5 1.55 5.46 -0.56
N MET A 6 2.56 4.60 -0.57
CA MET A 6 3.74 4.78 0.27
C MET A 6 3.37 4.96 1.75
N TRP A 7 2.31 4.28 2.18
CA TRP A 7 1.87 4.35 3.56
C TRP A 7 2.39 3.13 4.33
N THR A 8 2.75 3.33 5.60
CA THR A 8 3.28 2.25 6.42
C THR A 8 2.38 1.01 6.41
N CYS A 9 2.99 -0.15 6.61
CA CYS A 9 2.27 -1.42 6.64
C CYS A 9 2.15 -1.94 8.06
N ASP A 10 1.02 -2.54 8.39
CA ASP A 10 0.80 -3.09 9.73
C ASP A 10 -0.33 -4.12 9.73
N GLU A 11 -0.80 -4.49 10.91
CA GLU A 11 -1.88 -5.46 11.04
C GLU A 11 -3.07 -5.04 10.18
N GLU A 12 -3.27 -3.73 10.05
CA GLU A 12 -4.36 -3.19 9.26
C GLU A 12 -3.90 -1.94 8.52
N ARG A 13 -3.56 -2.09 7.24
CA ARG A 13 -3.10 -0.98 6.43
C ARG A 13 -4.29 -0.28 5.77
N LYS A 14 -4.41 1.02 6.03
CA LYS A 14 -5.50 1.82 5.47
C LYS A 14 -5.55 1.70 3.96
N CYS A 15 -4.37 1.73 3.33
CA CYS A 15 -4.26 1.63 1.87
C CYS A 15 -5.30 0.68 1.28
N CYS A 16 -5.83 1.04 0.12
CA CYS A 16 -6.83 0.21 -0.55
C CYS A 16 -6.24 -1.13 -0.96
N GLU A 17 -7.11 -2.13 -1.09
CA GLU A 17 -6.67 -3.47 -1.47
C GLU A 17 -5.96 -3.46 -2.82
N GLY A 18 -6.20 -2.42 -3.61
CA GLY A 18 -5.58 -2.32 -4.92
C GLY A 18 -4.06 -2.35 -4.85
N LEU A 19 -3.51 -2.05 -3.67
CA LEU A 19 -2.06 -2.05 -3.49
C LEU A 19 -1.61 -3.20 -2.60
N VAL A 20 -0.33 -3.57 -2.70
CA VAL A 20 0.22 -4.65 -1.90
C VAL A 20 0.85 -4.13 -0.62
N CYS A 21 0.92 -4.99 0.40
CA CYS A 21 1.49 -4.60 1.68
C CYS A 21 2.90 -5.16 1.87
N ARG A 22 3.86 -4.25 2.02
CA ARG A 22 5.24 -4.61 2.23
C ARG A 22 6.04 -3.38 2.62
N LEU A 23 6.27 -3.20 3.92
CA LEU A 23 7.01 -2.05 4.43
C LEU A 23 6.17 -0.78 4.25
N TRP A 24 5.85 -0.46 3.01
CA TRP A 24 5.04 0.71 2.68
C TRP A 24 4.19 0.42 1.44
N CYS A 25 3.05 1.10 1.33
CA CYS A 25 2.17 0.91 0.18
C CYS A 25 2.93 1.12 -1.12
N LYS A 26 3.16 0.03 -1.84
CA LYS A 26 3.87 0.10 -3.11
C LYS A 26 2.98 -0.34 -4.27
N ARG A 27 3.46 -0.12 -5.48
CA ARG A 27 2.70 -0.49 -6.68
C ARG A 27 3.62 -0.94 -7.80
N ILE A 28 3.56 -2.22 -8.14
CA ILE A 28 4.39 -2.80 -9.18
C ILE A 28 4.20 -2.08 -10.52
N ILE A 29 5.32 -1.69 -11.13
CA ILE A 29 5.30 -1.01 -12.41
C ILE A 29 6.28 -1.65 -13.38
N ASN A 30 5.86 -1.78 -14.63
CA ASN A 30 6.70 -2.37 -15.67
C ASN A 30 6.89 -1.41 -16.84
N MET A 31 5.78 -0.85 -17.32
CA MET A 31 5.82 0.08 -18.44
C MET A 31 4.69 1.09 -18.35
N TYR A 1 -11.10 4.35 4.93
CA TYR A 1 -9.90 3.50 4.68
C TYR A 1 -8.94 4.18 3.71
N CYS A 2 -7.83 3.50 3.42
CA CYS A 2 -6.82 4.02 2.50
C CYS A 2 -6.23 5.32 3.03
N GLN A 3 -4.92 5.30 3.24
CA GLN A 3 -4.21 6.48 3.72
C GLN A 3 -3.95 7.45 2.57
N LYS A 4 -2.96 7.13 1.75
CA LYS A 4 -2.61 7.94 0.59
C LYS A 4 -1.27 7.52 0.02
N TRP A 5 -1.14 6.23 -0.25
CA TRP A 5 0.09 5.68 -0.81
C TRP A 5 1.27 5.91 0.12
N MET A 6 2.24 5.00 0.05
CA MET A 6 3.44 5.08 0.87
C MET A 6 3.12 5.17 2.36
N TRP A 7 2.11 4.44 2.82
CA TRP A 7 1.75 4.46 4.23
C TRP A 7 2.29 3.19 4.92
N THR A 8 2.62 3.32 6.21
CA THR A 8 3.17 2.22 6.99
C THR A 8 2.29 0.96 6.95
N CYS A 9 2.90 -0.17 6.58
CA CYS A 9 2.20 -1.45 6.53
C CYS A 9 2.01 -1.99 7.94
N ASP A 10 1.00 -2.82 8.16
CA ASP A 10 0.76 -3.38 9.49
C ASP A 10 -0.07 -4.66 9.41
N GLU A 11 -0.44 -5.18 10.59
CA GLU A 11 -1.25 -6.41 10.65
C GLU A 11 -2.44 -6.27 9.72
N GLU A 12 -2.99 -5.06 9.68
CA GLU A 12 -4.13 -4.76 8.81
C GLU A 12 -3.82 -3.50 8.03
N ARG A 13 -3.38 -3.67 6.79
CA ARG A 13 -3.03 -2.55 5.94
C ARG A 13 -4.28 -1.87 5.38
N LYS A 14 -4.15 -0.57 5.14
CA LYS A 14 -5.26 0.23 4.62
C LYS A 14 -5.07 0.51 3.13
N CYS A 15 -4.48 1.66 2.82
CA CYS A 15 -4.23 2.06 1.44
C CYS A 15 -5.47 1.82 0.56
N CYS A 16 -5.31 2.00 -0.73
CA CYS A 16 -6.41 1.82 -1.67
C CYS A 16 -6.24 0.49 -2.42
N GLU A 17 -7.30 0.06 -3.10
CA GLU A 17 -7.29 -1.21 -3.83
C GLU A 17 -6.16 -1.30 -4.85
N GLY A 18 -5.58 -0.16 -5.22
CA GLY A 18 -4.51 -0.18 -6.20
C GLY A 18 -3.12 -0.02 -5.60
N LEU A 19 -2.78 -0.86 -4.63
CA LEU A 19 -1.46 -0.80 -3.99
C LEU A 19 -1.09 -2.13 -3.33
N VAL A 20 0.20 -2.27 -2.99
CA VAL A 20 0.70 -3.50 -2.36
C VAL A 20 1.26 -3.21 -0.98
N CYS A 21 1.44 -4.25 -0.17
CA CYS A 21 1.98 -4.08 1.19
C CYS A 21 3.41 -4.59 1.31
N ARG A 22 4.32 -3.66 1.58
CA ARG A 22 5.73 -3.96 1.77
C ARG A 22 6.44 -2.73 2.29
N LEU A 23 6.65 -2.67 3.61
CA LEU A 23 7.29 -1.52 4.23
C LEU A 23 6.41 -0.29 4.09
N TRP A 24 6.15 0.10 2.84
CA TRP A 24 5.31 1.24 2.54
C TRP A 24 4.64 1.03 1.18
N CYS A 25 3.38 1.40 1.05
CA CYS A 25 2.65 1.23 -0.20
C CYS A 25 3.48 1.66 -1.41
N LYS A 26 3.61 0.76 -2.37
CA LYS A 26 4.38 1.04 -3.58
C LYS A 26 3.66 0.50 -4.82
N ARG A 27 3.59 1.32 -5.86
CA ARG A 27 2.92 0.94 -7.10
C ARG A 27 3.65 -0.21 -7.77
N ILE A 28 2.92 -1.01 -8.54
CA ILE A 28 3.50 -2.14 -9.24
C ILE A 28 2.95 -2.27 -10.65
N ILE A 29 3.84 -2.29 -11.63
CA ILE A 29 3.44 -2.41 -13.03
C ILE A 29 4.45 -3.23 -13.82
N ASN A 30 4.12 -4.49 -14.05
CA ASN A 30 5.00 -5.38 -14.81
C ASN A 30 6.36 -5.50 -14.13
N MET A 31 6.36 -5.40 -12.80
CA MET A 31 7.60 -5.51 -12.03
C MET A 31 7.33 -6.07 -10.64
N TYR A 1 -11.64 4.70 3.38
CA TYR A 1 -10.60 3.66 3.10
C TYR A 1 -9.50 4.22 2.22
N CYS A 2 -8.38 3.50 2.14
CA CYS A 2 -7.24 3.92 1.33
C CYS A 2 -6.63 5.21 1.88
N GLN A 3 -5.32 5.18 2.07
CA GLN A 3 -4.58 6.33 2.58
C GLN A 3 -3.78 6.98 1.47
N LYS A 4 -2.66 6.35 1.11
CA LYS A 4 -1.79 6.87 0.06
C LYS A 4 -0.52 6.04 -0.04
N TRP A 5 0.05 5.97 -1.25
CA TRP A 5 1.26 5.20 -1.49
C TRP A 5 2.26 5.32 -0.34
N MET A 6 3.17 4.36 -0.27
CA MET A 6 4.20 4.31 0.76
C MET A 6 3.64 4.45 2.17
N TRP A 7 2.35 4.16 2.32
CA TRP A 7 1.71 4.23 3.63
C TRP A 7 2.14 3.03 4.48
N THR A 8 2.49 3.28 5.74
CA THR A 8 2.96 2.21 6.63
C THR A 8 1.93 1.10 6.78
N CYS A 9 2.41 -0.14 6.74
CA CYS A 9 1.54 -1.30 6.87
C CYS A 9 2.01 -2.24 7.98
N ASP A 10 1.11 -3.10 8.44
CA ASP A 10 1.43 -4.06 9.49
C ASP A 10 0.28 -5.04 9.72
N GLU A 11 -0.68 -4.65 10.56
CA GLU A 11 -1.82 -5.49 10.85
C GLU A 11 -3.00 -5.16 9.93
N GLU A 12 -3.28 -3.87 9.81
CA GLU A 12 -4.36 -3.40 8.96
C GLU A 12 -3.93 -2.16 8.19
N ARG A 13 -3.54 -2.35 6.93
CA ARG A 13 -3.08 -1.25 6.10
C ARG A 13 -4.17 -0.82 5.11
N LYS A 14 -4.64 0.41 5.27
CA LYS A 14 -5.67 0.97 4.40
C LYS A 14 -5.22 0.88 2.94
N CYS A 15 -4.72 1.99 2.41
CA CYS A 15 -4.25 2.05 1.03
C CYS A 15 -5.30 1.48 0.08
N CYS A 16 -4.97 1.42 -1.21
CA CYS A 16 -5.90 0.91 -2.21
C CYS A 16 -5.46 -0.47 -2.71
N GLU A 17 -6.30 -1.09 -3.53
CA GLU A 17 -6.02 -2.41 -4.06
C GLU A 17 -4.88 -2.39 -5.08
N GLY A 18 -4.42 -1.20 -5.45
CA GLY A 18 -3.34 -1.09 -6.42
C GLY A 18 -1.98 -1.01 -5.77
N LEU A 19 -1.86 -1.54 -4.55
CA LEU A 19 -0.60 -1.51 -3.83
C LEU A 19 -0.45 -2.75 -2.94
N VAL A 20 0.70 -2.87 -2.27
CA VAL A 20 0.96 -4.03 -1.41
C VAL A 20 1.35 -3.60 0.01
N CYS A 21 1.54 -4.58 0.90
CA CYS A 21 1.90 -4.30 2.28
C CYS A 21 3.30 -4.83 2.60
N ARG A 22 4.23 -3.89 2.78
CA ARG A 22 5.61 -4.22 3.12
C ARG A 22 6.35 -2.94 3.48
N LEU A 23 6.48 -2.68 4.78
CA LEU A 23 7.14 -1.48 5.25
C LEU A 23 6.31 -0.24 4.89
N TRP A 24 6.12 -0.03 3.60
CA TRP A 24 5.34 1.09 3.10
C TRP A 24 4.65 0.70 1.79
N CYS A 25 3.43 1.21 1.59
CA CYS A 25 2.66 0.90 0.38
C CYS A 25 3.54 1.00 -0.86
N LYS A 26 3.84 -0.16 -1.46
CA LYS A 26 4.67 -0.21 -2.65
C LYS A 26 3.81 -0.06 -3.92
N ARG A 27 4.39 0.53 -4.95
CA ARG A 27 3.69 0.73 -6.22
C ARG A 27 3.66 -0.56 -7.02
N ILE A 28 3.17 -0.48 -8.26
CA ILE A 28 3.08 -1.64 -9.13
C ILE A 28 3.90 -1.44 -10.40
N ILE A 29 4.59 -2.50 -10.82
CA ILE A 29 5.42 -2.44 -12.01
C ILE A 29 4.65 -2.94 -13.24
N ASN A 30 4.43 -2.04 -14.20
CA ASN A 30 3.72 -2.38 -15.42
C ASN A 30 2.31 -2.87 -15.10
N MET A 31 1.40 -1.93 -14.89
CA MET A 31 0.01 -2.26 -14.57
C MET A 31 -0.07 -3.08 -13.29
N TYR A 1 -11.47 3.53 3.04
CA TYR A 1 -10.27 2.71 2.72
C TYR A 1 -9.23 3.54 1.95
N CYS A 2 -8.08 2.94 1.70
CA CYS A 2 -7.00 3.61 0.97
C CYS A 2 -6.44 4.77 1.78
N GLN A 3 -5.12 4.82 1.90
CA GLN A 3 -4.44 5.86 2.64
C GLN A 3 -3.57 6.70 1.70
N LYS A 4 -2.45 6.11 1.29
CA LYS A 4 -1.53 6.79 0.37
C LYS A 4 -0.24 5.98 0.23
N TRP A 5 0.25 5.89 -1.00
CA TRP A 5 1.48 5.14 -1.29
C TRP A 5 2.62 5.58 -0.37
N MET A 6 3.48 4.63 -0.02
CA MET A 6 4.64 4.89 0.84
C MET A 6 4.28 4.83 2.32
N TRP A 7 3.14 5.40 2.71
CA TRP A 7 2.73 5.41 4.10
C TRP A 7 2.96 4.07 4.80
N THR A 8 2.94 4.13 6.14
CA THR A 8 3.17 2.97 7.01
C THR A 8 2.37 1.74 6.62
N CYS A 9 2.99 0.56 6.76
CA CYS A 9 2.34 -0.72 6.46
C CYS A 9 2.48 -1.64 7.67
N ASP A 10 1.39 -2.32 8.03
CA ASP A 10 1.41 -3.22 9.18
C ASP A 10 0.47 -4.41 8.97
N GLU A 11 0.07 -5.04 10.08
CA GLU A 11 -0.82 -6.19 10.04
C GLU A 11 -2.05 -5.89 9.18
N GLU A 12 -2.69 -4.75 9.45
CA GLU A 12 -3.87 -4.36 8.69
C GLU A 12 -3.78 -2.91 8.22
N ARG A 13 -3.37 -2.74 6.97
CA ARG A 13 -3.23 -1.43 6.37
C ARG A 13 -4.47 -1.05 5.57
N LYS A 14 -4.55 0.21 5.16
CA LYS A 14 -5.67 0.69 4.36
C LYS A 14 -5.18 1.29 3.06
N CYS A 15 -4.54 0.45 2.23
CA CYS A 15 -4.03 0.89 0.94
C CYS A 15 -5.13 0.90 -0.10
N CYS A 16 -4.88 1.54 -1.23
CA CYS A 16 -5.86 1.60 -2.30
C CYS A 16 -6.02 0.24 -2.97
N GLU A 17 -6.97 0.15 -3.90
CA GLU A 17 -7.24 -1.10 -4.61
C GLU A 17 -6.04 -1.55 -5.44
N GLY A 18 -5.08 -0.66 -5.67
CA GLY A 18 -3.92 -1.01 -6.47
C GLY A 18 -2.61 -0.74 -5.75
N LEU A 19 -2.41 -1.38 -4.60
CA LEU A 19 -1.18 -1.21 -3.84
C LEU A 19 -0.92 -2.40 -2.92
N VAL A 20 0.35 -2.75 -2.74
CA VAL A 20 0.73 -3.87 -1.89
C VAL A 20 1.20 -3.37 -0.52
N CYS A 21 1.28 -4.28 0.45
CA CYS A 21 1.71 -3.90 1.79
C CYS A 21 3.00 -4.60 2.20
N ARG A 22 4.02 -3.80 2.46
CA ARG A 22 5.33 -4.29 2.88
C ARG A 22 6.17 -3.11 3.31
N LEU A 23 6.25 -2.88 4.62
CA LEU A 23 7.00 -1.75 5.17
C LEU A 23 6.29 -0.44 4.83
N TRP A 24 6.08 -0.21 3.53
CA TRP A 24 5.39 0.98 3.06
C TRP A 24 4.45 0.61 1.91
N CYS A 25 3.28 1.25 1.85
CA CYS A 25 2.31 0.97 0.80
C CYS A 25 2.98 0.91 -0.57
N LYS A 26 3.18 -0.30 -1.08
CA LYS A 26 3.82 -0.50 -2.38
C LYS A 26 3.00 0.15 -3.48
N ARG A 27 3.60 0.26 -4.67
CA ARG A 27 2.94 0.85 -5.82
C ARG A 27 2.45 -0.23 -6.78
N ILE A 28 1.85 0.20 -7.90
CA ILE A 28 1.34 -0.73 -8.90
C ILE A 28 2.39 -1.75 -9.31
N ILE A 29 2.01 -2.65 -10.21
CA ILE A 29 2.92 -3.69 -10.68
C ILE A 29 3.23 -3.50 -12.16
N ASN A 30 4.15 -4.33 -12.68
CA ASN A 30 4.55 -4.26 -14.08
C ASN A 30 4.81 -2.82 -14.52
N MET A 31 4.96 -2.62 -15.82
CA MET A 31 5.21 -1.29 -16.37
C MET A 31 5.23 -1.32 -17.89
N TYR A 1 -10.72 5.79 3.50
CA TYR A 1 -9.90 4.56 3.34
C TYR A 1 -8.71 4.81 2.42
N CYS A 2 -7.74 3.91 2.46
CA CYS A 2 -6.54 4.03 1.63
C CYS A 2 -5.71 5.24 2.04
N GLN A 3 -4.64 5.01 2.80
CA GLN A 3 -3.77 6.09 3.25
C GLN A 3 -3.37 6.98 2.08
N LYS A 4 -2.42 6.50 1.27
CA LYS A 4 -1.97 7.25 0.10
C LYS A 4 -0.67 6.66 -0.46
N TRP A 5 -0.70 5.36 -0.70
CA TRP A 5 0.44 4.64 -1.26
C TRP A 5 1.70 4.81 -0.41
N MET A 6 2.59 3.84 -0.54
CA MET A 6 3.87 3.83 0.17
C MET A 6 3.77 4.32 1.62
N TRP A 7 2.61 4.14 2.23
CA TRP A 7 2.44 4.56 3.62
C TRP A 7 2.87 3.40 4.53
N THR A 8 2.95 3.61 5.85
CA THR A 8 3.41 2.55 6.75
C THR A 8 2.40 1.42 6.90
N CYS A 9 2.90 0.20 6.73
CA CYS A 9 2.08 -1.01 6.84
C CYS A 9 1.86 -1.37 8.30
N ASP A 10 0.69 -1.95 8.60
CA ASP A 10 0.36 -2.34 9.96
C ASP A 10 -0.61 -3.51 9.97
N GLU A 11 -1.13 -3.84 11.17
CA GLU A 11 -2.08 -4.94 11.31
C GLU A 11 -3.20 -4.81 10.29
N GLU A 12 -3.55 -3.57 9.97
CA GLU A 12 -4.60 -3.30 9.00
C GLU A 12 -4.24 -2.08 8.15
N ARG A 13 -3.73 -2.34 6.95
CA ARG A 13 -3.33 -1.27 6.05
C ARG A 13 -4.54 -0.64 5.37
N LYS A 14 -4.83 0.62 5.72
CA LYS A 14 -5.96 1.34 5.15
C LYS A 14 -5.85 1.40 3.62
N CYS A 15 -4.62 1.28 3.12
CA CYS A 15 -4.34 1.32 1.69
C CYS A 15 -5.47 0.70 0.87
N CYS A 16 -5.62 1.15 -0.37
CA CYS A 16 -6.65 0.62 -1.25
C CYS A 16 -6.33 -0.83 -1.63
N GLU A 17 -7.20 -1.43 -2.44
CA GLU A 17 -7.01 -2.81 -2.86
C GLU A 17 -5.99 -2.94 -4.01
N GLY A 18 -5.36 -1.84 -4.37
CA GLY A 18 -4.39 -1.87 -5.46
C GLY A 18 -2.95 -1.76 -4.98
N LEU A 19 -2.69 -2.20 -3.75
CA LEU A 19 -1.34 -2.13 -3.20
C LEU A 19 -1.05 -3.31 -2.26
N VAL A 20 0.22 -3.49 -1.92
CA VAL A 20 0.63 -4.58 -1.04
C VAL A 20 1.18 -4.05 0.29
N CYS A 21 1.30 -4.93 1.29
CA CYS A 21 1.80 -4.53 2.60
C CYS A 21 3.21 -5.05 2.85
N ARG A 22 4.18 -4.14 2.85
CA ARG A 22 5.57 -4.47 3.10
C ARG A 22 6.38 -3.19 3.26
N LEU A 23 6.63 -2.80 4.51
CA LEU A 23 7.37 -1.57 4.80
C LEU A 23 6.56 -0.35 4.38
N TRP A 24 6.27 -0.27 3.08
CA TRP A 24 5.49 0.83 2.54
C TRP A 24 4.68 0.37 1.34
N CYS A 25 3.45 0.86 1.21
CA CYS A 25 2.57 0.46 0.11
C CYS A 25 3.27 0.63 -1.24
N LYS A 26 3.48 -0.47 -1.94
CA LYS A 26 4.13 -0.45 -3.24
C LYS A 26 3.19 -0.96 -4.33
N ARG A 27 3.31 -0.37 -5.52
CA ARG A 27 2.47 -0.77 -6.65
C ARG A 27 3.30 -1.42 -7.75
N ILE A 28 2.64 -1.79 -8.84
CA ILE A 28 3.32 -2.43 -9.96
C ILE A 28 3.41 -1.49 -11.15
N ILE A 29 4.54 -1.54 -11.85
CA ILE A 29 4.75 -0.68 -13.02
C ILE A 29 4.59 -1.46 -14.31
N ASN A 30 4.34 -0.75 -15.40
CA ASN A 30 4.16 -1.37 -16.71
C ASN A 30 5.49 -1.89 -17.25
N MET A 31 6.51 -1.03 -17.22
CA MET A 31 7.82 -1.39 -17.70
C MET A 31 8.90 -1.01 -16.70
N TYR A 1 -10.61 2.80 3.41
CA TYR A 1 -10.08 4.09 3.91
C TYR A 1 -8.95 4.60 3.02
N CYS A 2 -7.83 3.86 3.00
CA CYS A 2 -6.68 4.23 2.19
C CYS A 2 -6.10 5.56 2.65
N GLN A 3 -4.78 5.59 2.78
CA GLN A 3 -4.08 6.81 3.19
C GLN A 3 -3.69 7.64 1.98
N LYS A 4 -2.57 7.27 1.35
CA LYS A 4 -2.09 7.97 0.16
C LYS A 4 -0.79 7.39 -0.34
N TRP A 5 -0.82 6.11 -0.72
CA TRP A 5 0.36 5.44 -1.25
C TRP A 5 1.53 5.46 -0.27
N MET A 6 2.39 4.46 -0.40
CA MET A 6 3.58 4.32 0.44
C MET A 6 3.29 4.52 1.93
N TRP A 7 2.04 4.37 2.33
CA TRP A 7 1.68 4.50 3.74
C TRP A 7 2.16 3.26 4.48
N THR A 8 2.50 3.38 5.77
CA THR A 8 2.98 2.23 6.53
C THR A 8 2.02 1.04 6.45
N CYS A 9 2.60 -0.15 6.42
CA CYS A 9 1.82 -1.39 6.36
C CYS A 9 1.71 -2.02 7.75
N ASP A 10 0.59 -2.69 8.02
CA ASP A 10 0.40 -3.32 9.33
C ASP A 10 -0.60 -4.48 9.24
N GLU A 11 -1.10 -4.91 10.39
CA GLU A 11 -2.08 -6.00 10.45
C GLU A 11 -3.20 -5.75 9.46
N GLU A 12 -3.72 -4.53 9.48
CA GLU A 12 -4.79 -4.13 8.56
C GLU A 12 -4.40 -2.88 7.81
N ARG A 13 -3.93 -3.06 6.58
CA ARG A 13 -3.50 -1.96 5.74
C ARG A 13 -4.68 -1.18 5.17
N LYS A 14 -5.00 -0.05 5.80
CA LYS A 14 -6.09 0.79 5.33
C LYS A 14 -5.83 1.26 3.90
N CYS A 15 -4.55 1.27 3.54
CA CYS A 15 -4.10 1.68 2.21
C CYS A 15 -5.06 1.23 1.11
N CYS A 16 -4.95 1.87 -0.05
CA CYS A 16 -5.81 1.52 -1.18
C CYS A 16 -5.60 0.07 -1.59
N GLU A 17 -6.62 -0.51 -2.22
CA GLU A 17 -6.55 -1.90 -2.66
C GLU A 17 -5.55 -2.10 -3.81
N GLY A 18 -5.09 -1.00 -4.39
CA GLY A 18 -4.14 -1.10 -5.48
C GLY A 18 -2.70 -0.85 -5.05
N LEU A 19 -2.32 -1.45 -3.91
CA LEU A 19 -0.97 -1.28 -3.39
C LEU A 19 -0.50 -2.55 -2.67
N VAL A 20 0.81 -2.67 -2.48
CA VAL A 20 1.38 -3.84 -1.80
C VAL A 20 1.71 -3.53 -0.35
N CYS A 21 1.84 -4.58 0.46
CA CYS A 21 2.15 -4.41 1.89
C CYS A 21 3.57 -4.84 2.21
N ARG A 22 4.45 -3.87 2.37
CA ARG A 22 5.84 -4.11 2.71
C ARG A 22 6.53 -2.81 3.05
N LEU A 23 6.66 -2.53 4.35
CA LEU A 23 7.28 -1.28 4.81
C LEU A 23 6.38 -0.10 4.48
N TRP A 24 6.13 0.11 3.20
CA TRP A 24 5.28 1.19 2.74
C TRP A 24 4.56 0.78 1.44
N CYS A 25 3.39 1.34 1.21
CA CYS A 25 2.61 1.02 0.01
C CYS A 25 3.42 1.30 -1.25
N LYS A 26 3.96 0.23 -1.84
CA LYS A 26 4.76 0.36 -3.06
C LYS A 26 3.92 0.05 -4.30
N ARG A 27 4.10 0.87 -5.33
CA ARG A 27 3.36 0.68 -6.58
C ARG A 27 3.64 -0.69 -7.18
N ILE A 28 2.99 -0.98 -8.31
CA ILE A 28 3.17 -2.26 -8.98
C ILE A 28 2.96 -2.12 -10.49
N ILE A 29 4.07 -2.05 -11.22
CA ILE A 29 4.01 -1.91 -12.67
C ILE A 29 4.32 -3.23 -13.35
N ASN A 30 3.90 -3.35 -14.61
CA ASN A 30 4.13 -4.56 -15.38
C ASN A 30 5.25 -4.37 -16.39
N MET A 31 5.33 -3.16 -16.94
CA MET A 31 6.35 -2.82 -17.93
C MET A 31 7.68 -2.54 -17.26
N TYR A 1 -10.94 2.55 2.76
CA TYR A 1 -10.61 3.93 3.21
C TYR A 1 -9.43 4.50 2.42
N CYS A 2 -8.36 3.71 2.32
CA CYS A 2 -7.16 4.12 1.60
C CYS A 2 -6.53 5.34 2.26
N GLN A 3 -5.23 5.21 2.56
CA GLN A 3 -4.48 6.28 3.20
C GLN A 3 -3.62 7.00 2.18
N LYS A 4 -2.55 6.34 1.74
CA LYS A 4 -1.65 6.91 0.75
C LYS A 4 -0.48 5.97 0.48
N TRP A 5 -0.16 5.79 -0.80
CA TRP A 5 0.93 4.91 -1.20
C TRP A 5 2.23 5.30 -0.50
N MET A 6 3.07 4.29 -0.25
CA MET A 6 4.35 4.50 0.43
C MET A 6 4.21 4.54 1.94
N TRP A 7 3.22 5.29 2.43
CA TRP A 7 2.99 5.42 3.86
C TRP A 7 3.18 4.10 4.61
N THR A 8 3.38 4.21 5.93
CA THR A 8 3.60 3.06 6.80
C THR A 8 2.68 1.88 6.45
N CYS A 9 3.23 0.67 6.52
CA CYS A 9 2.47 -0.54 6.22
C CYS A 9 2.46 -1.48 7.41
N ASP A 10 1.41 -2.28 7.53
CA ASP A 10 1.28 -3.24 8.61
C ASP A 10 0.49 -4.47 8.14
N GLU A 11 -0.02 -5.25 9.08
CA GLU A 11 -0.79 -6.45 8.76
C GLU A 11 -1.88 -6.12 7.75
N GLU A 12 -2.53 -4.98 7.94
CA GLU A 12 -3.60 -4.53 7.06
C GLU A 12 -3.99 -3.10 7.38
N ARG A 13 -3.49 -2.14 6.60
CA ARG A 13 -3.80 -0.74 6.82
C ARG A 13 -4.96 -0.28 5.92
N LYS A 14 -5.27 1.01 5.98
CA LYS A 14 -6.37 1.58 5.20
C LYS A 14 -6.07 1.58 3.71
N CYS A 15 -4.77 1.58 3.36
CA CYS A 15 -4.33 1.60 1.96
C CYS A 15 -5.38 1.01 1.02
N CYS A 16 -5.81 1.81 0.06
CA CYS A 16 -6.82 1.39 -0.92
C CYS A 16 -6.51 -0.02 -1.45
N GLU A 17 -7.56 -0.73 -1.83
CA GLU A 17 -7.42 -2.10 -2.35
C GLU A 17 -6.37 -2.18 -3.47
N GLY A 18 -6.16 -1.07 -4.14
CA GLY A 18 -5.19 -1.04 -5.23
C GLY A 18 -3.80 -0.69 -4.76
N LEU A 19 -3.34 -1.36 -3.70
CA LEU A 19 -2.01 -1.11 -3.16
C LEU A 19 -1.50 -2.32 -2.37
N VAL A 20 -0.20 -2.62 -2.53
CA VAL A 20 0.41 -3.74 -1.83
C VAL A 20 0.93 -3.27 -0.47
N CYS A 21 1.15 -4.21 0.45
CA CYS A 21 1.65 -3.85 1.77
C CYS A 21 2.93 -4.61 2.13
N ARG A 22 3.99 -3.84 2.35
CA ARG A 22 5.29 -4.37 2.72
C ARG A 22 6.19 -3.23 3.12
N LEU A 23 6.32 -3.00 4.42
CA LEU A 23 7.14 -1.90 4.94
C LEU A 23 6.49 -0.56 4.58
N TRP A 24 6.37 -0.31 3.29
CA TRP A 24 5.75 0.92 2.78
C TRP A 24 4.85 0.57 1.60
N CYS A 25 3.58 0.96 1.68
CA CYS A 25 2.62 0.67 0.61
C CYS A 25 3.22 0.94 -0.77
N LYS A 26 3.03 -0.01 -1.69
CA LYS A 26 3.56 0.13 -3.05
C LYS A 26 2.46 -0.06 -4.08
N ARG A 27 2.77 0.22 -5.33
CA ARG A 27 1.81 0.07 -6.41
C ARG A 27 2.34 -0.85 -7.50
N ILE A 28 1.47 -1.26 -8.42
CA ILE A 28 1.84 -2.15 -9.51
C ILE A 28 3.19 -1.79 -10.11
N ILE A 29 3.89 -2.80 -10.61
CA ILE A 29 5.18 -2.60 -11.22
C ILE A 29 5.35 -3.49 -12.46
N ASN A 30 5.49 -2.86 -13.62
CA ASN A 30 5.66 -3.60 -14.87
C ASN A 30 6.64 -2.88 -15.78
N MET A 31 7.17 -3.61 -16.76
CA MET A 31 8.13 -3.05 -17.70
C MET A 31 9.37 -2.54 -16.99
N TYR A 1 -9.85 2.87 3.60
CA TYR A 1 -10.13 4.06 2.73
C TYR A 1 -8.91 4.44 1.89
N CYS A 2 -7.81 3.71 2.06
CA CYS A 2 -6.59 3.98 1.30
C CYS A 2 -6.04 5.37 1.63
N GLN A 3 -4.76 5.40 2.00
CA GLN A 3 -4.10 6.65 2.34
C GLN A 3 -3.64 7.37 1.07
N LYS A 4 -2.51 6.94 0.53
CA LYS A 4 -1.98 7.53 -0.70
C LYS A 4 -0.61 6.95 -1.04
N TRP A 5 -0.59 5.65 -1.31
CA TRP A 5 0.63 4.95 -1.67
C TRP A 5 1.67 5.05 -0.55
N MET A 6 2.54 4.05 -0.49
CA MET A 6 3.61 3.97 0.52
C MET A 6 3.15 4.44 1.89
N TRP A 7 2.27 3.65 2.51
CA TRP A 7 1.79 3.94 3.84
C TRP A 7 2.17 2.81 4.79
N THR A 8 2.32 3.12 6.07
CA THR A 8 2.69 2.12 7.06
C THR A 8 1.78 0.89 7.01
N CYS A 9 2.35 -0.25 6.64
CA CYS A 9 1.60 -1.50 6.56
C CYS A 9 1.68 -2.25 7.88
N ASP A 10 0.55 -2.77 8.34
CA ASP A 10 0.50 -3.51 9.60
C ASP A 10 -0.76 -4.37 9.69
N GLU A 11 -1.07 -4.83 10.90
CA GLU A 11 -2.25 -5.66 11.12
C GLU A 11 -3.48 -5.02 10.51
N GLU A 12 -3.55 -3.71 10.58
CA GLU A 12 -4.68 -2.96 10.02
C GLU A 12 -4.21 -1.70 9.31
N ARG A 13 -4.11 -1.78 7.99
CA ARG A 13 -3.67 -0.66 7.19
C ARG A 13 -4.84 -0.02 6.44
N LYS A 14 -4.69 1.24 6.06
CA LYS A 14 -5.73 1.96 5.35
C LYS A 14 -5.55 1.85 3.84
N CYS A 15 -4.30 1.77 3.40
CA CYS A 15 -3.95 1.66 1.98
C CYS A 15 -5.03 0.94 1.19
N CYS A 16 -5.19 1.34 -0.07
CA CYS A 16 -6.19 0.72 -0.95
C CYS A 16 -5.76 -0.69 -1.34
N GLU A 17 -6.73 -1.49 -1.79
CA GLU A 17 -6.48 -2.87 -2.19
C GLU A 17 -5.55 -2.96 -3.40
N GLY A 18 -5.34 -1.84 -4.08
CA GLY A 18 -4.49 -1.84 -5.26
C GLY A 18 -3.03 -1.57 -4.92
N LEU A 19 -2.56 -2.14 -3.82
CA LEU A 19 -1.17 -1.93 -3.39
C LEU A 19 -0.68 -3.13 -2.58
N VAL A 20 0.64 -3.34 -2.58
CA VAL A 20 1.24 -4.46 -1.85
C VAL A 20 1.58 -4.04 -0.42
N CYS A 21 1.62 -5.02 0.49
CA CYS A 21 1.92 -4.74 1.89
C CYS A 21 3.32 -5.19 2.27
N ARG A 22 4.21 -4.23 2.47
CA ARG A 22 5.58 -4.50 2.84
C ARG A 22 6.27 -3.20 3.22
N LEU A 23 6.36 -2.92 4.52
CA LEU A 23 6.98 -1.70 5.02
C LEU A 23 6.12 -0.49 4.64
N TRP A 24 5.94 -0.28 3.35
CA TRP A 24 5.13 0.82 2.84
C TRP A 24 4.59 0.48 1.46
N CYS A 25 3.32 0.82 1.21
CA CYS A 25 2.68 0.54 -0.08
C CYS A 25 3.62 0.81 -1.25
N LYS A 26 3.76 -0.16 -2.12
CA LYS A 26 4.63 -0.04 -3.29
C LYS A 26 3.80 -0.05 -4.58
N ARG A 27 4.29 0.67 -5.60
CA ARG A 27 3.60 0.74 -6.88
C ARG A 27 4.22 -0.23 -7.88
N ILE A 28 3.70 -0.23 -9.10
CA ILE A 28 4.20 -1.10 -10.16
C ILE A 28 4.22 -0.39 -11.50
N ILE A 29 5.29 -0.60 -12.26
CA ILE A 29 5.44 0.03 -13.56
C ILE A 29 5.34 -1.01 -14.68
N ASN A 30 4.59 -0.66 -15.74
CA ASN A 30 4.41 -1.55 -16.87
C ASN A 30 3.70 -2.84 -16.45
N MET A 31 4.46 -3.77 -15.87
CA MET A 31 3.89 -5.04 -15.43
C MET A 31 3.77 -5.08 -13.90
N TYR A 1 -10.49 3.35 3.20
CA TYR A 1 -10.30 4.73 2.65
C TYR A 1 -8.94 4.89 1.98
N CYS A 2 -8.00 3.99 2.30
CA CYS A 2 -6.66 4.04 1.71
C CYS A 2 -5.93 5.32 2.11
N GLN A 3 -4.66 5.17 2.49
CA GLN A 3 -3.85 6.31 2.87
C GLN A 3 -3.54 7.14 1.63
N LYS A 4 -2.59 6.67 0.82
CA LYS A 4 -2.19 7.34 -0.42
C LYS A 4 -0.78 6.92 -0.84
N TRP A 5 -0.60 5.63 -1.04
CA TRP A 5 0.68 5.08 -1.44
C TRP A 5 1.78 5.39 -0.43
N MET A 6 2.69 4.45 -0.25
CA MET A 6 3.81 4.60 0.67
C MET A 6 3.33 4.93 2.08
N TRP A 7 2.35 4.17 2.56
CA TRP A 7 1.82 4.35 3.90
C TRP A 7 2.14 3.11 4.74
N THR A 8 2.57 3.32 5.99
CA THR A 8 2.94 2.21 6.88
C THR A 8 1.99 1.02 6.77
N CYS A 9 2.53 -0.17 6.99
CA CYS A 9 1.74 -1.40 6.94
C CYS A 9 1.61 -2.03 8.32
N ASP A 10 0.66 -2.96 8.45
CA ASP A 10 0.42 -3.64 9.72
C ASP A 10 -0.67 -4.69 9.56
N GLU A 11 -1.14 -5.25 10.68
CA GLU A 11 -2.19 -6.26 10.65
C GLU A 11 -3.37 -5.78 9.80
N GLU A 12 -3.57 -4.46 9.79
CA GLU A 12 -4.65 -3.86 9.02
C GLU A 12 -4.33 -2.40 8.73
N ARG A 13 -3.85 -2.14 7.52
CA ARG A 13 -3.48 -0.78 7.13
C ARG A 13 -4.31 -0.30 5.94
N LYS A 14 -4.56 1.01 5.90
CA LYS A 14 -5.34 1.64 4.83
C LYS A 14 -4.97 1.08 3.45
N CYS A 15 -4.03 1.74 2.78
CA CYS A 15 -3.60 1.32 1.44
C CYS A 15 -4.78 1.32 0.48
N CYS A 16 -4.48 1.29 -0.81
CA CYS A 16 -5.52 1.26 -1.84
C CYS A 16 -5.70 -0.15 -2.40
N GLU A 17 -6.69 -0.31 -3.27
CA GLU A 17 -6.97 -1.61 -3.87
C GLU A 17 -5.76 -2.16 -4.62
N GLY A 18 -4.83 -1.28 -4.98
CA GLY A 18 -3.65 -1.71 -5.71
C GLY A 18 -2.35 -1.40 -4.99
N LEU A 19 -2.14 -2.03 -3.84
CA LEU A 19 -0.91 -1.82 -3.07
C LEU A 19 -0.55 -3.06 -2.26
N VAL A 20 0.75 -3.35 -2.19
CA VAL A 20 1.24 -4.51 -1.44
C VAL A 20 1.61 -4.11 -0.02
N CYS A 21 2.26 -5.01 0.72
CA CYS A 21 2.66 -4.72 2.09
C CYS A 21 4.15 -4.93 2.32
N ARG A 22 4.85 -3.84 2.57
CA ARG A 22 6.27 -3.88 2.86
C ARG A 22 6.72 -2.51 3.34
N LEU A 23 6.83 -2.36 4.65
CA LEU A 23 7.22 -1.08 5.25
C LEU A 23 6.14 -0.02 5.01
N TRP A 24 5.86 0.25 3.75
CA TRP A 24 4.86 1.23 3.37
C TRP A 24 4.20 0.83 2.05
N CYS A 25 2.94 1.23 1.85
CA CYS A 25 2.21 0.90 0.63
C CYS A 25 3.08 1.05 -0.62
N LYS A 26 3.20 -0.02 -1.39
CA LYS A 26 4.00 -0.01 -2.59
C LYS A 26 3.25 -0.64 -3.77
N ARG A 27 3.38 -0.05 -4.95
CA ARG A 27 2.72 -0.57 -6.14
C ARG A 27 3.67 -0.57 -7.33
N ILE A 28 3.40 -1.46 -8.28
CA ILE A 28 4.23 -1.57 -9.47
C ILE A 28 3.38 -1.82 -10.72
N ILE A 29 3.62 -1.04 -11.76
CA ILE A 29 2.88 -1.19 -13.00
C ILE A 29 3.77 -0.89 -14.22
N ASN A 30 4.09 -1.92 -14.98
CA ASN A 30 4.93 -1.76 -16.15
C ASN A 30 4.41 -2.61 -17.31
N MET A 31 4.47 -3.93 -17.16
CA MET A 31 4.00 -4.85 -18.19
C MET A 31 2.59 -5.35 -17.87
N TYR A 1 -10.98 5.11 3.21
CA TYR A 1 -9.74 4.33 3.46
C TYR A 1 -8.63 4.73 2.49
N CYS A 2 -7.54 3.97 2.49
CA CYS A 2 -6.41 4.24 1.60
C CYS A 2 -5.62 5.47 2.07
N GLN A 3 -4.45 5.23 2.68
CA GLN A 3 -3.61 6.31 3.15
C GLN A 3 -3.28 7.24 1.99
N LYS A 4 -2.85 6.62 0.89
CA LYS A 4 -2.49 7.32 -0.35
C LYS A 4 -1.13 6.86 -0.87
N TRP A 5 -1.07 5.59 -1.26
CA TRP A 5 0.16 5.00 -1.78
C TRP A 5 1.31 5.09 -0.79
N MET A 6 2.17 4.07 -0.82
CA MET A 6 3.34 3.99 0.05
C MET A 6 3.04 4.43 1.49
N TRP A 7 2.19 3.68 2.17
CA TRP A 7 1.85 3.99 3.55
C TRP A 7 2.28 2.82 4.46
N THR A 8 2.99 3.15 5.54
CA THR A 8 3.49 2.15 6.49
C THR A 8 2.48 1.02 6.74
N CYS A 9 2.90 -0.22 6.46
CA CYS A 9 2.03 -1.38 6.68
C CYS A 9 2.14 -1.88 8.11
N ASP A 10 1.13 -2.65 8.53
CA ASP A 10 1.10 -3.20 9.88
C ASP A 10 -0.12 -4.10 10.06
N GLU A 11 -0.50 -4.36 11.30
CA GLU A 11 -1.64 -5.22 11.59
C GLU A 11 -2.87 -4.79 10.79
N GLU A 12 -2.93 -3.51 10.45
CA GLU A 12 -4.05 -2.96 9.68
C GLU A 12 -3.61 -1.74 8.90
N ARG A 13 -3.35 -1.92 7.60
CA ARG A 13 -2.91 -0.83 6.75
C ARG A 13 -4.07 -0.30 5.91
N LYS A 14 -4.52 0.91 6.22
CA LYS A 14 -5.62 1.54 5.50
C LYS A 14 -5.18 1.98 4.11
N CYS A 15 -4.79 1.00 3.29
CA CYS A 15 -4.35 1.27 1.93
C CYS A 15 -5.39 0.76 0.94
N CYS A 16 -5.50 1.41 -0.21
CA CYS A 16 -6.47 0.98 -1.23
C CYS A 16 -6.15 -0.43 -1.72
N GLU A 17 -7.17 -1.10 -2.25
CA GLU A 17 -7.02 -2.46 -2.74
C GLU A 17 -6.08 -2.55 -3.94
N GLY A 18 -5.73 -1.41 -4.52
CA GLY A 18 -4.85 -1.41 -5.67
C GLY A 18 -3.38 -1.29 -5.30
N LEU A 19 -3.01 -1.89 -4.17
CA LEU A 19 -1.62 -1.84 -3.70
C LEU A 19 -1.26 -3.11 -2.94
N VAL A 20 0.04 -3.36 -2.78
CA VAL A 20 0.53 -4.53 -2.07
C VAL A 20 1.18 -4.14 -0.75
N CYS A 21 1.03 -5.00 0.26
CA CYS A 21 1.60 -4.73 1.58
C CYS A 21 3.04 -5.22 1.70
N ARG A 22 3.97 -4.26 1.77
CA ARG A 22 5.38 -4.56 1.91
C ARG A 22 6.13 -3.26 2.22
N LEU A 23 6.44 -3.04 3.49
CA LEU A 23 7.13 -1.83 3.92
C LEU A 23 6.24 -0.61 3.71
N TRP A 24 5.87 -0.36 2.45
CA TRP A 24 5.01 0.76 2.10
C TRP A 24 4.33 0.48 0.76
N CYS A 25 3.03 0.80 0.68
CA CYS A 25 2.26 0.58 -0.54
C CYS A 25 3.05 0.96 -1.79
N LYS A 26 3.31 -0.03 -2.63
CA LYS A 26 4.06 0.20 -3.87
C LYS A 26 3.20 -0.16 -5.09
N ARG A 27 3.42 0.54 -6.19
CA ARG A 27 2.68 0.30 -7.42
C ARG A 27 3.12 -1.00 -8.07
N ILE A 28 2.15 -1.73 -8.65
CA ILE A 28 2.44 -2.99 -9.30
C ILE A 28 3.65 -2.90 -10.21
N ILE A 29 4.28 -4.05 -10.46
CA ILE A 29 5.45 -4.12 -11.31
C ILE A 29 5.22 -3.41 -12.64
N ASN A 30 5.71 -2.19 -12.75
CA ASN A 30 5.55 -1.41 -13.98
C ASN A 30 6.60 -0.29 -14.06
N MET A 31 6.50 0.53 -15.09
CA MET A 31 7.43 1.63 -15.28
C MET A 31 6.79 2.78 -16.04
N TYR A 1 -11.17 4.31 3.15
CA TYR A 1 -9.89 3.58 3.14
C TYR A 1 -8.89 4.20 2.18
N CYS A 2 -7.68 3.66 2.14
CA CYS A 2 -6.63 4.16 1.26
C CYS A 2 -6.13 5.52 1.74
N GLN A 3 -5.02 5.51 2.47
CA GLN A 3 -4.44 6.74 2.99
C GLN A 3 -3.85 7.58 1.86
N LYS A 4 -2.81 7.06 1.22
CA LYS A 4 -2.16 7.77 0.11
C LYS A 4 -1.04 6.94 -0.52
N TRP A 5 -1.22 5.63 -0.56
CA TRP A 5 -0.21 4.75 -1.15
C TRP A 5 1.07 4.79 -0.32
N MET A 6 1.91 3.78 -0.50
CA MET A 6 3.18 3.68 0.23
C MET A 6 3.00 3.96 1.73
N TRP A 7 1.97 3.36 2.32
CA TRP A 7 1.69 3.54 3.74
C TRP A 7 2.34 2.44 4.57
N THR A 8 2.62 2.75 5.83
CA THR A 8 3.23 1.80 6.75
C THR A 8 2.38 0.54 6.94
N CYS A 9 2.85 -0.58 6.37
CA CYS A 9 2.14 -1.85 6.49
C CYS A 9 1.98 -2.23 7.96
N ASP A 10 0.77 -2.67 8.33
CA ASP A 10 0.52 -3.06 9.72
C ASP A 10 -0.78 -3.83 9.85
N GLU A 11 -1.27 -3.96 11.08
CA GLU A 11 -2.52 -4.68 11.35
C GLU A 11 -3.62 -4.19 10.43
N GLU A 12 -3.53 -2.93 10.01
CA GLU A 12 -4.54 -2.36 9.12
C GLU A 12 -3.88 -1.50 8.04
N ARG A 13 -3.73 -2.08 6.85
CA ARG A 13 -3.13 -1.39 5.73
C ARG A 13 -4.10 -0.34 5.17
N LYS A 14 -3.86 0.91 5.55
CA LYS A 14 -4.70 2.02 5.11
C LYS A 14 -4.77 2.14 3.60
N CYS A 15 -3.61 2.34 2.98
CA CYS A 15 -3.53 2.49 1.52
C CYS A 15 -4.43 1.47 0.83
N CYS A 16 -5.01 1.88 -0.29
CA CYS A 16 -5.90 1.03 -1.07
C CYS A 16 -5.36 -0.39 -1.20
N GLU A 17 -6.27 -1.37 -1.08
CA GLU A 17 -5.90 -2.78 -1.18
C GLU A 17 -5.19 -3.09 -2.49
N GLY A 18 -5.48 -2.29 -3.52
CA GLY A 18 -4.85 -2.49 -4.82
C GLY A 18 -3.34 -2.58 -4.71
N LEU A 19 -2.79 -1.98 -3.65
CA LEU A 19 -1.36 -1.99 -3.42
C LEU A 19 -0.95 -3.22 -2.61
N VAL A 20 0.33 -3.30 -2.25
CA VAL A 20 0.84 -4.44 -1.48
C VAL A 20 1.32 -4.01 -0.09
N CYS A 21 1.23 -4.94 0.87
CA CYS A 21 1.66 -4.66 2.25
C CYS A 21 3.08 -5.13 2.50
N ARG A 22 4.02 -4.19 2.44
CA ARG A 22 5.43 -4.50 2.67
C ARG A 22 6.22 -3.20 2.79
N LEU A 23 6.51 -2.79 4.02
CA LEU A 23 7.25 -1.55 4.26
C LEU A 23 6.37 -0.35 3.91
N TRP A 24 5.98 -0.27 2.64
CA TRP A 24 5.13 0.82 2.16
C TRP A 24 4.40 0.37 0.89
N CYS A 25 3.11 0.67 0.80
CA CYS A 25 2.31 0.29 -0.36
C CYS A 25 3.04 0.61 -1.66
N LYS A 26 3.42 -0.44 -2.39
CA LYS A 26 4.12 -0.28 -3.65
C LYS A 26 3.20 -0.56 -4.83
N ARG A 27 3.36 0.22 -5.90
CA ARG A 27 2.54 0.04 -7.10
C ARG A 27 3.18 -0.95 -8.06
N ILE A 28 2.36 -1.49 -8.97
CA ILE A 28 2.85 -2.47 -9.94
C ILE A 28 4.07 -1.94 -10.70
N ILE A 29 4.79 -2.84 -11.34
CA ILE A 29 5.98 -2.47 -12.10
C ILE A 29 5.61 -1.64 -13.33
N ASN A 30 6.58 -0.89 -13.84
CA ASN A 30 6.37 -0.05 -15.00
C ASN A 30 5.94 -0.88 -16.20
N MET A 31 4.64 -0.87 -16.50
CA MET A 31 4.11 -1.63 -17.62
C MET A 31 4.36 -3.12 -17.45
N TYR A 1 -11.55 5.35 3.25
CA TYR A 1 -10.46 4.35 3.26
C TYR A 1 -9.29 4.80 2.39
N CYS A 2 -8.17 4.07 2.48
CA CYS A 2 -6.98 4.40 1.72
C CYS A 2 -6.33 5.67 2.23
N GLN A 3 -5.26 5.53 3.02
CA GLN A 3 -4.55 6.69 3.57
C GLN A 3 -4.13 7.64 2.45
N LYS A 4 -3.05 7.29 1.76
CA LYS A 4 -2.56 8.11 0.66
C LYS A 4 -1.26 7.57 0.09
N TRP A 5 -1.25 6.29 -0.26
CA TRP A 5 -0.07 5.64 -0.82
C TRP A 5 1.12 5.70 0.14
N MET A 6 2.05 4.78 -0.06
CA MET A 6 3.27 4.69 0.75
C MET A 6 2.97 4.79 2.24
N TRP A 7 1.77 4.39 2.66
CA TRP A 7 1.42 4.43 4.07
C TRP A 7 1.91 3.15 4.75
N THR A 8 2.15 3.23 6.06
CA THR A 8 2.62 2.08 6.82
C THR A 8 1.78 0.83 6.55
N CYS A 9 2.38 -0.34 6.75
CA CYS A 9 1.68 -1.61 6.55
C CYS A 9 2.14 -2.65 7.56
N ASP A 10 1.21 -3.49 7.99
CA ASP A 10 1.53 -4.55 8.95
C ASP A 10 0.42 -5.60 9.01
N GLU A 11 -0.62 -5.33 9.80
CA GLU A 11 -1.74 -6.25 9.93
C GLU A 11 -2.92 -5.74 9.11
N GLU A 12 -3.26 -4.48 9.30
CA GLU A 12 -4.36 -3.86 8.57
C GLU A 12 -3.99 -2.42 8.21
N ARG A 13 -3.58 -2.22 6.97
CA ARG A 13 -3.19 -0.90 6.50
C ARG A 13 -4.39 -0.09 6.03
N LYS A 14 -4.13 1.05 5.39
CA LYS A 14 -5.19 1.92 4.92
C LYS A 14 -5.21 2.06 3.40
N CYS A 15 -4.14 2.61 2.83
CA CYS A 15 -4.05 2.82 1.38
C CYS A 15 -4.79 1.73 0.63
N CYS A 16 -5.43 2.11 -0.47
CA CYS A 16 -6.20 1.16 -1.28
C CYS A 16 -5.45 -0.15 -1.51
N GLU A 17 -6.19 -1.25 -1.45
CA GLU A 17 -5.62 -2.59 -1.63
C GLU A 17 -4.77 -2.68 -2.89
N GLY A 18 -5.04 -1.82 -3.87
CA GLY A 18 -4.28 -1.84 -5.10
C GLY A 18 -2.79 -1.84 -4.88
N LEU A 19 -2.37 -1.35 -3.72
CA LEU A 19 -0.95 -1.28 -3.36
C LEU A 19 -0.54 -2.49 -2.54
N VAL A 20 0.62 -3.07 -2.87
CA VAL A 20 1.12 -4.24 -2.16
C VAL A 20 1.54 -3.87 -0.74
N CYS A 21 1.66 -4.88 0.13
CA CYS A 21 2.05 -4.64 1.52
C CYS A 21 3.49 -5.04 1.80
N ARG A 22 4.30 -4.04 2.12
CA ARG A 22 5.70 -4.24 2.45
C ARG A 22 6.27 -2.94 3.01
N LEU A 23 6.36 -2.84 4.33
CA LEU A 23 6.85 -1.63 4.99
C LEU A 23 5.86 -0.49 4.78
N TRP A 24 5.64 -0.12 3.52
CA TRP A 24 4.71 0.93 3.16
C TRP A 24 3.97 0.55 1.88
N CYS A 25 3.17 1.47 1.35
CA CYS A 25 2.42 1.20 0.12
C CYS A 25 3.26 1.52 -1.11
N LYS A 26 3.61 0.49 -1.87
CA LYS A 26 4.42 0.66 -3.07
C LYS A 26 3.71 0.05 -4.29
N ARG A 27 3.62 0.82 -5.36
CA ARG A 27 2.97 0.36 -6.58
C ARG A 27 3.78 -0.77 -7.23
N ILE A 28 3.30 -1.24 -8.38
CA ILE A 28 3.98 -2.32 -9.09
C ILE A 28 4.22 -1.93 -10.55
N ILE A 29 5.31 -2.44 -11.12
CA ILE A 29 5.64 -2.15 -12.52
C ILE A 29 5.14 -3.25 -13.44
N ASN A 30 4.98 -2.91 -14.72
CA ASN A 30 4.51 -3.87 -15.71
C ASN A 30 4.99 -3.50 -17.10
N MET A 31 4.59 -4.30 -18.10
CA MET A 31 5.00 -4.05 -19.48
C MET A 31 6.51 -4.13 -19.62
#